data_3NH5
#
_entry.id   3NH5
#
_cell.length_a   93.247
_cell.length_b   93.247
_cell.length_c   97.469
_cell.angle_alpha   90.000
_cell.angle_beta   90.000
_cell.angle_gamma   120.000
#
_symmetry.space_group_name_H-M   'P 62'
#
loop_
_entity.id
_entity.type
_entity.pdbx_description
1 polymer Aspartoacylase-2
2 non-polymer 'ZINC ION'
3 non-polymer 'CHLORIDE ION'
4 non-polymer 'ACETATE ION'
5 non-polymer 'FORMIC ACID'
6 water water
#
_entity_poly.entity_id   1
_entity_poly.type   'polypeptide(L)'
_entity_poly.pdbx_seq_one_letter_code
;MWSHPQFEKMSSLPGSREPLLRVAVTGGTHGNEMCGVYLARYWLQNPGELQRPSFSAMPVLANPAATAACCRYLDRDLNR
SCTLTFLGSTATPDDPYEVKRARELNQLLGPKGTGQAFDFTLDLHNTTANTGVCLISESNISFNLHLCHYLQRQNPGMPC
RLFLYEPAGTETFSVESISKNGICLAMGPQPQGVLRADLFSRMRALVASILDFIELFNQGMDLPAFEMDIYRNLGSVDFP
RTADGDLAGTVHPQLQDHDFEPLRPGEPIFKLFSGEDVLYEGDSIVYPVFINEAAYYEKHVAFLKSEKIRVTVPALLRLT
PRSTQTP
;
_entity_poly.pdbx_strand_id   A
#
loop_
_chem_comp.id
_chem_comp.type
_chem_comp.name
_chem_comp.formula
ACT non-polymer 'ACETATE ION' 'C2 H3 O2 -1'
CL non-polymer 'CHLORIDE ION' 'Cl -1'
FMT non-polymer 'FORMIC ACID' 'C H2 O2'
ZN non-polymer 'ZINC ION' 'Zn 2'
#
# COMPACT_ATOMS: atom_id res chain seq x y z
N SER A 16 6.19 -28.76 -3.73
CA SER A 16 7.49 -28.14 -3.91
C SER A 16 7.43 -26.60 -3.90
N ARG A 17 7.82 -26.01 -2.77
CA ARG A 17 7.84 -24.57 -2.62
C ARG A 17 8.90 -23.90 -3.51
N GLU A 18 8.49 -22.91 -4.29
CA GLU A 18 9.44 -22.10 -5.04
C GLU A 18 9.93 -20.90 -4.20
N PRO A 19 11.26 -20.77 -4.03
CA PRO A 19 11.80 -19.67 -3.22
C PRO A 19 11.59 -18.33 -3.92
N LEU A 20 11.56 -17.24 -3.17
CA LEU A 20 11.47 -15.91 -3.77
C LEU A 20 12.89 -15.36 -3.88
N LEU A 21 13.36 -15.23 -5.12
CA LEU A 21 14.77 -14.95 -5.37
C LEU A 21 14.96 -13.60 -6.03
N ARG A 22 13.97 -13.16 -6.79
CA ARG A 22 14.00 -11.84 -7.40
C ARG A 22 12.98 -10.96 -6.69
N VAL A 23 13.48 -10.18 -5.74
CA VAL A 23 12.67 -9.43 -4.82
C VAL A 23 13.08 -7.96 -4.88
N ALA A 24 12.10 -7.07 -5.04
CA ALA A 24 12.38 -5.65 -5.12
C ALA A 24 11.70 -4.89 -3.98
N VAL A 25 12.36 -3.84 -3.51
CA VAL A 25 11.73 -2.87 -2.60
C VAL A 25 11.69 -1.52 -3.29
N THR A 26 10.49 -1.02 -3.57
CA THR A 26 10.34 0.24 -4.27
C THR A 26 9.96 1.36 -3.29
N GLY A 27 10.64 2.50 -3.41
CA GLY A 27 10.30 3.68 -2.63
C GLY A 27 10.08 4.81 -3.61
N GLY A 28 9.41 5.87 -3.17
CA GLY A 28 9.20 7.01 -4.04
C GLY A 28 8.26 6.77 -5.21
N THR A 29 7.39 5.75 -5.08
CA THR A 29 6.35 5.56 -6.08
C THR A 29 5.53 6.86 -6.17
N HIS A 30 5.31 7.46 -5.00
CA HIS A 30 4.84 8.84 -4.88
C HIS A 30 6.00 9.68 -4.35
N GLY A 31 6.38 10.70 -5.10
CA GLY A 31 7.64 11.39 -4.87
C GLY A 31 7.75 12.16 -3.58
N ASN A 32 6.62 12.47 -2.96
CA ASN A 32 6.62 13.28 -1.74
C ASN A 32 6.32 12.47 -0.48
N GLU A 33 6.44 11.14 -0.59
CA GLU A 33 6.21 10.24 0.55
C GLU A 33 7.55 9.79 1.05
N MET A 34 8.00 10.44 2.10
CA MET A 34 9.43 10.56 2.39
C MET A 34 10.14 9.35 2.96
N CYS A 35 9.44 8.44 3.61
CA CYS A 35 10.16 7.30 4.19
C CYS A 35 10.73 6.46 3.05
N GLY A 36 9.86 6.11 2.10
CA GLY A 36 10.24 5.28 0.98
C GLY A 36 11.30 5.98 0.13
N VAL A 37 11.13 7.28 -0.06
CA VAL A 37 12.09 8.06 -0.83
C VAL A 37 13.49 7.92 -0.23
N TYR A 38 13.61 8.16 1.07
CA TYR A 38 14.93 8.19 1.69
C TYR A 38 15.50 6.83 2.02
N LEU A 39 14.63 5.84 2.21
CA LEU A 39 15.09 4.47 2.39
C LEU A 39 15.67 3.95 1.07
N ALA A 40 14.94 4.15 -0.04
CA ALA A 40 15.45 3.78 -1.36
C ALA A 40 16.78 4.48 -1.68
N ARG A 41 16.86 5.80 -1.49
CA ARG A 41 18.11 6.55 -1.73
C ARG A 41 19.24 6.01 -0.86
N TYR A 42 18.93 5.73 0.39
CA TYR A 42 19.94 5.23 1.30
C TYR A 42 20.41 3.83 0.89
N TRP A 43 19.46 2.96 0.55
CA TRP A 43 19.79 1.58 0.19
C TRP A 43 20.54 1.49 -1.13
N LEU A 44 20.22 2.38 -2.06
CA LEU A 44 20.96 2.45 -3.30
C LEU A 44 22.44 2.74 -3.01
N GLN A 45 22.70 3.47 -1.91
CA GLN A 45 24.08 3.72 -1.47
C GLN A 45 24.58 2.64 -0.55
N ASN A 46 23.68 1.95 0.14
CA ASN A 46 24.09 0.98 1.13
C ASN A 46 23.24 -0.29 1.11
N PRO A 47 23.41 -1.09 0.04
CA PRO A 47 22.56 -2.25 -0.25
C PRO A 47 22.75 -3.42 0.71
N GLY A 48 23.82 -3.40 1.50
CA GLY A 48 24.16 -4.54 2.34
C GLY A 48 23.02 -4.91 3.24
N GLU A 49 22.20 -3.92 3.55
CA GLU A 49 21.09 -4.05 4.47
C GLU A 49 19.98 -4.93 3.88
N LEU A 50 19.86 -4.92 2.56
CA LEU A 50 18.83 -5.71 1.88
C LEU A 50 19.26 -7.12 1.48
N GLN A 51 20.43 -7.55 1.94
CA GLN A 51 20.95 -8.87 1.58
C GLN A 51 20.59 -9.91 2.65
N ARG A 52 20.13 -11.07 2.19
CA ARG A 52 19.90 -12.19 3.09
C ARG A 52 20.66 -13.39 2.51
N PRO A 53 20.81 -14.47 3.31
CA PRO A 53 21.54 -15.65 2.81
C PRO A 53 21.05 -16.22 1.46
N SER A 54 19.74 -16.23 1.23
CA SER A 54 19.20 -16.90 0.05
C SER A 54 18.93 -15.94 -1.11
N PHE A 55 18.93 -14.64 -0.83
CA PHE A 55 18.57 -13.67 -1.86
C PHE A 55 18.99 -12.26 -1.47
N SER A 56 18.99 -11.36 -2.45
CA SER A 56 19.23 -9.95 -2.20
C SER A 56 18.11 -9.13 -2.81
N ALA A 57 17.52 -8.21 -2.04
CA ALA A 57 16.41 -7.42 -2.60
C ALA A 57 16.98 -6.20 -3.29
N MET A 58 16.40 -5.87 -4.44
CA MET A 58 16.85 -4.74 -5.23
C MET A 58 16.08 -3.49 -4.83
N PRO A 59 16.78 -2.45 -4.33
CA PRO A 59 16.12 -1.17 -4.05
C PRO A 59 15.88 -0.39 -5.34
N VAL A 60 14.72 0.25 -5.44
CA VAL A 60 14.33 0.97 -6.65
C VAL A 60 13.61 2.25 -6.27
N LEU A 61 14.05 3.38 -6.82
CA LEU A 61 13.29 4.61 -6.71
C LEU A 61 12.30 4.62 -7.86
N ALA A 62 11.01 4.45 -7.53
CA ALA A 62 9.99 4.19 -8.54
C ALA A 62 9.67 5.39 -9.42
N ASN A 63 9.57 6.57 -8.82
CA ASN A 63 9.25 7.76 -9.58
C ASN A 63 10.35 8.81 -9.40
N PRO A 64 11.41 8.72 -10.21
CA PRO A 64 12.59 9.57 -10.05
C PRO A 64 12.28 11.05 -10.22
N ALA A 65 11.50 11.42 -11.22
CA ALA A 65 11.25 12.83 -11.48
C ALA A 65 10.32 13.45 -10.42
N ALA A 66 9.30 12.71 -9.99
CA ALA A 66 8.42 13.20 -8.93
C ALA A 66 9.20 13.33 -7.61
N THR A 67 10.10 12.39 -7.37
CA THR A 67 10.94 12.43 -6.19
C THR A 67 11.87 13.65 -6.17
N ALA A 68 12.56 13.89 -7.29
CA ALA A 68 13.41 15.08 -7.42
C ALA A 68 12.61 16.36 -7.18
N ALA A 69 11.36 16.37 -7.61
CA ALA A 69 10.51 17.55 -7.49
C ALA A 69 9.76 17.58 -6.16
N CYS A 70 9.91 16.52 -5.36
CA CYS A 70 9.11 16.31 -4.16
C CYS A 70 7.61 16.57 -4.34
N CYS A 71 7.01 15.89 -5.31
CA CYS A 71 5.56 15.93 -5.49
C CYS A 71 5.06 14.51 -5.70
N ARG A 72 3.76 14.29 -5.56
CA ARG A 72 3.20 12.95 -5.74
C ARG A 72 3.47 12.37 -7.14
N TYR A 73 3.13 13.13 -8.17
CA TYR A 73 3.42 12.75 -9.55
C TYR A 73 3.53 13.99 -10.44
N LEU A 74 4.09 13.80 -11.64
CA LEU A 74 4.21 14.87 -12.62
C LEU A 74 2.96 15.02 -13.48
N ASP A 75 2.58 13.94 -14.15
CA ASP A 75 1.47 13.98 -15.08
C ASP A 75 0.30 13.14 -14.61
N ARG A 76 0.62 11.99 -14.05
CA ARG A 76 -0.40 11.04 -13.66
C ARG A 76 0.13 10.18 -12.54
N ASP A 77 -0.74 9.77 -11.63
CA ASP A 77 -0.36 8.94 -10.50
C ASP A 77 0.28 7.64 -11.00
N LEU A 78 1.55 7.42 -10.64
CA LEU A 78 2.28 6.24 -11.09
C LEU A 78 1.58 4.96 -10.63
N ASN A 79 1.01 5.01 -9.42
CA ASN A 79 0.37 3.86 -8.83
C ASN A 79 -1.01 3.60 -9.43
N ARG A 80 -1.36 4.37 -10.46
CA ARG A 80 -2.58 4.11 -11.24
C ARG A 80 -2.24 3.91 -12.70
N SER A 81 -0.98 3.65 -13.01
CA SER A 81 -0.52 3.66 -14.39
C SER A 81 0.03 2.33 -14.87
N CYS A 82 -0.15 1.27 -14.09
CA CYS A 82 0.46 -0.02 -14.43
C CYS A 82 -0.56 -1.10 -14.87
N THR A 83 -1.58 -0.70 -15.62
CA THR A 83 -2.51 -1.65 -16.23
C THR A 83 -1.90 -2.21 -17.51
N LEU A 84 -2.28 -3.43 -17.86
CA LEU A 84 -1.79 -4.04 -19.09
C LEU A 84 -2.06 -3.14 -20.28
N THR A 85 -3.19 -2.44 -20.25
CA THR A 85 -3.54 -1.46 -21.27
C THR A 85 -2.50 -0.36 -21.41
N PHE A 86 -2.06 0.20 -20.28
CA PHE A 86 -1.05 1.26 -20.30
C PHE A 86 0.29 0.69 -20.75
N LEU A 87 0.67 -0.42 -20.13
CA LEU A 87 1.96 -1.05 -20.39
C LEU A 87 2.07 -1.51 -21.83
N GLY A 88 0.96 -2.05 -22.37
CA GLY A 88 0.92 -2.55 -23.72
C GLY A 88 0.77 -1.49 -24.79
N SER A 89 0.26 -0.32 -24.42
CA SER A 89 0.07 0.77 -25.39
C SER A 89 1.33 1.10 -26.18
N THR A 90 1.13 1.66 -27.38
CA THR A 90 2.24 2.08 -28.23
C THR A 90 2.76 3.44 -27.79
N ALA A 91 4.03 3.49 -27.41
CA ALA A 91 4.64 4.73 -26.92
C ALA A 91 4.50 5.89 -27.90
N THR A 92 4.49 7.11 -27.36
CA THR A 92 4.59 8.32 -28.15
C THR A 92 5.44 9.31 -27.37
N PRO A 93 5.66 10.51 -27.92
CA PRO A 93 6.35 11.53 -27.12
C PRO A 93 5.39 12.18 -26.13
N ASP A 94 4.11 12.19 -26.47
CA ASP A 94 3.10 12.90 -25.70
C ASP A 94 2.47 12.03 -24.60
N ASP A 95 3.11 10.91 -24.30
CA ASP A 95 2.66 10.06 -23.20
C ASP A 95 2.95 10.75 -21.87
N PRO A 96 2.08 10.57 -20.87
CA PRO A 96 2.41 11.02 -19.52
C PRO A 96 3.73 10.43 -19.06
N TYR A 97 4.50 11.25 -18.33
CA TYR A 97 5.76 10.80 -17.78
C TYR A 97 5.58 9.48 -17.03
N GLU A 98 4.56 9.44 -16.18
CA GLU A 98 4.33 8.26 -15.34
C GLU A 98 3.96 7.02 -16.16
N VAL A 99 3.30 7.22 -17.29
CA VAL A 99 3.07 6.11 -18.20
C VAL A 99 4.41 5.60 -18.76
N LYS A 100 5.29 6.51 -19.16
CA LYS A 100 6.61 6.15 -19.63
C LYS A 100 7.41 5.42 -18.56
N ARG A 101 7.31 5.90 -17.33
CA ARG A 101 8.04 5.29 -16.22
C ARG A 101 7.45 3.92 -15.88
N ALA A 102 6.13 3.80 -15.98
CA ALA A 102 5.46 2.53 -15.77
C ALA A 102 6.01 1.48 -16.73
N ARG A 103 6.17 1.83 -18.00
CA ARG A 103 6.77 0.91 -18.98
C ARG A 103 8.17 0.47 -18.59
N GLU A 104 8.96 1.38 -18.05
CA GLU A 104 10.31 1.06 -17.60
C GLU A 104 10.30 0.12 -16.41
N LEU A 105 9.36 0.32 -15.49
CA LEU A 105 9.22 -0.59 -14.36
C LEU A 105 8.69 -1.94 -14.86
N ASN A 106 7.89 -1.90 -15.92
CA ASN A 106 7.46 -3.15 -16.54
C ASN A 106 8.66 -3.93 -17.08
N GLN A 107 9.58 -3.25 -17.77
CA GLN A 107 10.80 -3.92 -18.24
C GLN A 107 11.62 -4.40 -17.07
N LEU A 108 11.68 -3.61 -16.02
CA LEU A 108 12.56 -3.96 -14.90
C LEU A 108 12.00 -5.10 -14.05
N LEU A 109 10.72 -5.01 -13.73
CA LEU A 109 10.13 -5.89 -12.73
C LEU A 109 9.17 -6.91 -13.34
N GLY A 110 8.87 -6.74 -14.62
CA GLY A 110 7.99 -7.64 -15.33
C GLY A 110 8.73 -8.41 -16.41
N PRO A 111 8.13 -8.50 -17.60
CA PRO A 111 6.84 -7.85 -17.89
C PRO A 111 5.66 -8.45 -17.11
N LYS A 112 4.72 -7.59 -16.76
CA LYS A 112 3.58 -7.98 -15.94
C LYS A 112 2.78 -9.08 -16.61
N GLY A 113 2.53 -10.16 -15.87
CA GLY A 113 1.73 -11.27 -16.38
C GLY A 113 2.54 -12.36 -17.06
N THR A 114 3.85 -12.18 -17.14
CA THR A 114 4.70 -13.20 -17.77
C THR A 114 5.55 -13.89 -16.72
N GLY A 115 6.23 -14.96 -17.13
CA GLY A 115 7.09 -15.73 -16.23
C GLY A 115 8.41 -15.05 -15.91
N GLN A 116 8.71 -13.95 -16.60
CA GLN A 116 9.94 -13.18 -16.37
C GLN A 116 9.79 -12.18 -15.18
N ALA A 117 8.56 -11.97 -14.70
CA ALA A 117 8.33 -10.99 -13.64
C ALA A 117 9.08 -11.35 -12.36
N PHE A 118 9.39 -10.33 -11.56
CA PHE A 118 9.98 -10.56 -10.24
C PHE A 118 9.04 -11.42 -9.38
N ASP A 119 9.61 -12.09 -8.40
CA ASP A 119 8.82 -12.92 -7.50
C ASP A 119 7.95 -12.06 -6.56
N PHE A 120 8.52 -10.95 -6.07
CA PHE A 120 7.83 -10.12 -5.08
C PHE A 120 8.33 -8.68 -5.12
N THR A 121 7.40 -7.74 -5.13
CA THR A 121 7.74 -6.34 -4.92
C THR A 121 7.09 -5.77 -3.66
N LEU A 122 7.93 -5.30 -2.75
CA LEU A 122 7.46 -4.55 -1.58
C LEU A 122 7.44 -3.05 -1.92
N ASP A 123 6.26 -2.45 -1.96
CA ASP A 123 6.13 -1.03 -2.32
C ASP A 123 5.84 -0.17 -1.07
N LEU A 124 6.67 0.84 -0.81
CA LEU A 124 6.59 1.63 0.42
C LEU A 124 5.78 2.94 0.26
N HIS A 125 4.88 3.19 1.20
CA HIS A 125 4.00 4.35 1.13
C HIS A 125 3.85 5.04 2.48
N ASN A 126 3.56 6.34 2.42
CA ASN A 126 3.19 7.11 3.60
C ASN A 126 1.83 7.74 3.34
N THR A 127 1.05 7.91 4.40
CA THR A 127 -0.26 8.55 4.28
C THR A 127 -0.35 9.67 5.33
N THR A 128 -1.12 10.71 5.03
CA THR A 128 -1.42 11.74 6.02
C THR A 128 -2.53 11.30 6.99
N ALA A 129 -3.19 10.20 6.68
CA ALA A 129 -4.21 9.63 7.55
C ALA A 129 -3.53 8.92 8.73
N ASN A 130 -4.26 8.83 9.85
CA ASN A 130 -3.71 8.20 11.04
C ASN A 130 -3.82 6.66 11.01
N THR A 131 -3.28 6.05 9.96
CA THR A 131 -3.43 4.60 9.78
C THR A 131 -2.50 3.76 10.67
N GLY A 132 -1.41 4.33 11.16
CA GLY A 132 -0.34 3.53 11.71
C GLY A 132 0.19 2.59 10.63
N VAL A 133 0.63 1.41 11.04
CA VAL A 133 1.16 0.42 10.09
C VAL A 133 0.09 -0.41 9.39
N CYS A 134 -0.03 -0.23 8.09
CA CYS A 134 -1.00 -0.95 7.31
C CYS A 134 -0.32 -1.65 6.13
N LEU A 135 -0.65 -2.93 5.90
CA LEU A 135 -0.25 -3.60 4.68
C LEU A 135 -1.46 -3.64 3.77
N ILE A 136 -1.28 -3.19 2.53
CA ILE A 136 -2.37 -3.21 1.56
C ILE A 136 -2.09 -4.30 0.53
N SER A 137 -3.02 -5.26 0.43
CA SER A 137 -2.87 -6.38 -0.48
C SER A 137 -4.01 -6.36 -1.49
N GLU A 138 -3.69 -6.60 -2.77
CA GLU A 138 -4.70 -6.58 -3.82
C GLU A 138 -5.36 -7.95 -4.01
N SER A 139 -4.97 -8.91 -3.19
CA SER A 139 -5.60 -10.23 -3.21
C SER A 139 -5.44 -10.89 -1.85
N ASN A 140 -6.17 -11.98 -1.65
CA ASN A 140 -6.08 -12.71 -0.39
C ASN A 140 -5.05 -13.84 -0.45
N ILE A 141 -4.04 -13.68 -1.31
CA ILE A 141 -2.95 -14.66 -1.41
C ILE A 141 -2.39 -14.98 -0.02
N SER A 142 -2.29 -16.25 0.31
CA SER A 142 -2.06 -16.64 1.70
C SER A 142 -0.68 -16.22 2.21
N PHE A 143 0.31 -16.22 1.31
CA PHE A 143 1.65 -15.71 1.66
C PHE A 143 1.59 -14.29 2.22
N ASN A 144 0.82 -13.41 1.58
CA ASN A 144 0.67 -12.04 2.09
C ASN A 144 0.04 -11.97 3.49
N LEU A 145 -0.92 -12.84 3.77
CA LEU A 145 -1.54 -12.89 5.10
C LEU A 145 -0.58 -13.42 6.15
N HIS A 146 0.18 -14.47 5.83
CA HIS A 146 1.24 -14.98 6.72
C HIS A 146 2.28 -13.89 7.01
N LEU A 147 2.66 -13.15 5.98
CA LEU A 147 3.59 -12.03 6.17
C LEU A 147 3.07 -11.03 7.22
N CYS A 148 1.82 -10.61 7.06
CA CYS A 148 1.20 -9.71 8.05
C CYS A 148 1.25 -10.31 9.45
N HIS A 149 0.76 -11.55 9.56
CA HIS A 149 0.80 -12.29 10.82
C HIS A 149 2.20 -12.33 11.41
N TYR A 150 3.19 -12.62 10.57
CA TYR A 150 4.58 -12.60 11.04
C TYR A 150 4.97 -11.23 11.63
N LEU A 151 4.66 -10.15 10.90
CA LEU A 151 4.98 -8.81 11.41
C LEU A 151 4.25 -8.49 12.72
N GLN A 152 2.97 -8.89 12.81
CA GLN A 152 2.20 -8.74 14.05
C GLN A 152 2.90 -9.43 15.23
N ARG A 153 3.24 -10.71 15.04
CA ARG A 153 3.94 -11.49 16.07
C ARG A 153 5.29 -10.87 16.44
N GLN A 154 6.01 -10.34 15.46
CA GLN A 154 7.30 -9.70 15.74
C GLN A 154 7.17 -8.36 16.45
N ASN A 155 5.97 -7.80 16.51
CA ASN A 155 5.78 -6.51 17.17
C ASN A 155 4.54 -6.47 18.08
N PRO A 156 4.61 -7.17 19.23
CA PRO A 156 3.53 -7.20 20.22
C PRO A 156 3.18 -5.78 20.65
N GLY A 157 1.90 -5.44 20.64
CA GLY A 157 1.47 -4.11 21.06
C GLY A 157 1.51 -3.08 19.95
N MET A 158 2.01 -3.46 18.78
CA MET A 158 1.97 -2.58 17.62
C MET A 158 0.92 -3.04 16.64
N PRO A 159 -0.09 -2.20 16.40
CA PRO A 159 -1.07 -2.62 15.40
C PRO A 159 -0.37 -2.79 14.05
N CYS A 160 -0.75 -3.84 13.34
CA CYS A 160 -0.28 -4.06 12.00
C CYS A 160 -1.44 -4.66 11.25
N ARG A 161 -2.12 -3.84 10.48
CA ARG A 161 -3.40 -4.27 9.94
C ARG A 161 -3.32 -4.54 8.45
N LEU A 162 -4.08 -5.53 8.02
CA LEU A 162 -4.14 -5.88 6.62
C LEU A 162 -5.39 -5.33 5.93
N PHE A 163 -5.17 -4.50 4.92
CA PHE A 163 -6.28 -3.92 4.18
C PHE A 163 -6.35 -4.59 2.82
N LEU A 164 -7.43 -5.33 2.60
CA LEU A 164 -7.60 -6.09 1.39
C LEU A 164 -8.36 -5.26 0.39
N TYR A 165 -7.68 -4.90 -0.69
CA TYR A 165 -8.20 -3.99 -1.66
C TYR A 165 -8.15 -4.66 -3.01
N GLU A 166 -9.20 -5.41 -3.34
CA GLU A 166 -9.24 -6.11 -4.59
C GLU A 166 -9.71 -5.19 -5.71
N PRO A 167 -9.09 -5.30 -6.88
CA PRO A 167 -9.41 -4.43 -8.02
C PRO A 167 -10.85 -4.61 -8.47
N ALA A 168 -11.56 -3.50 -8.66
CA ALA A 168 -12.90 -3.55 -9.21
C ALA A 168 -12.85 -4.16 -10.60
N GLY A 169 -13.03 -5.48 -10.66
CA GLY A 169 -13.05 -6.18 -11.93
C GLY A 169 -11.70 -6.67 -12.42
N THR A 170 -11.38 -6.31 -13.67
CA THR A 170 -10.30 -6.94 -14.42
C THR A 170 -8.91 -6.45 -14.08
N GLU A 171 -8.64 -5.18 -14.39
CA GLU A 171 -7.29 -4.67 -14.50
C GLU A 171 -6.73 -4.06 -13.21
N THR A 172 -5.60 -4.59 -12.76
CA THR A 172 -4.86 -4.02 -11.64
C THR A 172 -4.01 -2.87 -12.17
N PHE A 173 -3.68 -1.93 -11.28
CA PHE A 173 -3.22 -0.61 -11.68
C PHE A 173 -1.85 -0.25 -11.10
N SER A 174 -1.44 -0.99 -10.09
CA SER A 174 -0.40 -0.53 -9.18
C SER A 174 1.01 -1.00 -9.56
N VAL A 175 2.00 -0.34 -8.98
CA VAL A 175 3.40 -0.69 -9.20
C VAL A 175 3.71 -2.14 -8.78
N GLU A 176 3.26 -2.56 -7.60
CA GLU A 176 3.56 -3.93 -7.16
C GLU A 176 2.85 -5.02 -7.97
N SER A 177 1.76 -4.67 -8.64
CA SER A 177 1.03 -5.62 -9.46
C SER A 177 1.83 -6.06 -10.69
N ILE A 178 2.96 -5.40 -10.95
CA ILE A 178 3.80 -5.77 -12.09
C ILE A 178 4.47 -7.11 -11.82
N SER A 179 4.85 -7.33 -10.56
CA SER A 179 5.49 -8.57 -10.14
C SER A 179 4.48 -9.72 -10.00
N LYS A 180 4.99 -10.94 -9.80
CA LYS A 180 4.14 -12.12 -9.68
C LYS A 180 3.27 -11.99 -8.45
N ASN A 181 3.91 -11.56 -7.37
CA ASN A 181 3.21 -11.13 -6.17
C ASN A 181 3.85 -9.86 -5.62
N GLY A 182 3.14 -9.17 -4.73
CA GLY A 182 3.67 -8.00 -4.06
C GLY A 182 2.71 -7.47 -3.02
N ILE A 183 3.16 -6.49 -2.24
CA ILE A 183 2.34 -5.90 -1.19
C ILE A 183 2.78 -4.45 -0.98
N CYS A 184 1.87 -3.62 -0.47
CA CYS A 184 2.22 -2.26 -0.12
CA CYS A 184 2.23 -2.26 -0.12
C CYS A 184 2.34 -2.11 1.39
N LEU A 185 3.44 -1.55 1.85
CA LEU A 185 3.57 -1.21 3.25
C LEU A 185 3.31 0.30 3.40
N ALA A 186 2.17 0.66 4.01
CA ALA A 186 1.77 2.06 4.18
C ALA A 186 1.90 2.48 5.65
N MET A 187 2.52 3.63 5.91
CA MET A 187 2.64 4.13 7.27
C MET A 187 2.22 5.60 7.41
N GLY A 188 1.39 5.85 8.41
CA GLY A 188 0.91 7.19 8.70
C GLY A 188 0.62 7.34 10.18
N PRO A 189 0.40 8.60 10.64
CA PRO A 189 0.35 9.78 9.78
C PRO A 189 1.70 10.47 9.55
N GLN A 190 1.90 10.96 8.35
CA GLN A 190 3.07 11.76 8.05
C GLN A 190 2.74 12.76 6.96
N PRO A 191 3.06 14.04 7.18
CA PRO A 191 2.75 15.03 6.13
C PRO A 191 3.58 14.71 4.88
N GLN A 192 3.02 14.90 3.70
CA GLN A 192 3.85 14.86 2.51
C GLN A 192 5.07 15.79 2.67
N GLY A 193 6.20 15.40 2.08
CA GLY A 193 7.39 16.23 2.11
C GLY A 193 8.07 16.34 3.47
N VAL A 194 7.56 15.66 4.49
CA VAL A 194 8.22 15.65 5.79
C VAL A 194 8.73 14.24 6.07
N LEU A 195 9.96 14.16 6.54
CA LEU A 195 10.54 12.90 7.02
C LEU A 195 10.62 12.91 8.53
N ARG A 196 9.82 12.08 9.17
CA ARG A 196 9.92 11.90 10.61
C ARG A 196 10.91 10.76 10.95
N ALA A 197 11.82 11.00 11.90
CA ALA A 197 12.76 9.99 12.32
C ALA A 197 12.02 8.75 12.84
N ASP A 198 10.90 8.94 13.53
CA ASP A 198 10.20 7.79 14.11
C ASP A 198 9.65 6.84 13.05
N LEU A 199 8.96 7.38 12.05
CA LEU A 199 8.46 6.53 10.97
C LEU A 199 9.56 5.98 10.06
N PHE A 200 10.61 6.75 9.86
CA PHE A 200 11.73 6.25 9.06
C PHE A 200 12.31 4.97 9.70
N SER A 201 12.65 5.04 11.00
CA SER A 201 13.21 3.89 11.71
C SER A 201 12.28 2.71 11.73
N ARG A 202 11.01 2.96 12.02
CA ARG A 202 10.05 1.87 12.14
C ARG A 202 9.88 1.17 10.80
N MET A 203 9.75 1.97 9.74
CA MET A 203 9.57 1.39 8.43
C MET A 203 10.80 0.57 8.04
N ARG A 204 11.96 1.10 8.41
CA ARG A 204 13.23 0.46 8.13
C ARG A 204 13.33 -0.91 8.81
N ALA A 205 12.87 -0.98 10.07
CA ALA A 205 12.86 -2.24 10.81
C ALA A 205 11.83 -3.20 10.24
N LEU A 206 10.68 -2.70 9.79
CA LEU A 206 9.65 -3.58 9.27
C LEU A 206 10.04 -4.19 7.93
N VAL A 207 10.73 -3.41 7.10
CA VAL A 207 11.29 -3.94 5.86
C VAL A 207 12.32 -5.04 6.16
N ALA A 208 13.17 -4.79 7.15
CA ALA A 208 14.15 -5.80 7.56
C ALA A 208 13.44 -7.08 7.94
N SER A 209 12.32 -6.96 8.64
CA SER A 209 11.54 -8.12 9.07
C SER A 209 10.84 -8.83 7.92
N ILE A 210 10.38 -8.05 6.94
CA ILE A 210 9.75 -8.64 5.77
C ILE A 210 10.77 -9.47 4.98
N LEU A 211 11.99 -8.95 4.86
CA LEU A 211 13.07 -9.67 4.19
C LEU A 211 13.45 -10.92 4.99
N ASP A 212 13.51 -10.78 6.32
CA ASP A 212 13.68 -11.92 7.21
C ASP A 212 12.65 -13.02 6.94
N PHE A 213 11.41 -12.61 6.78
CA PHE A 213 10.33 -13.54 6.53
C PHE A 213 10.54 -14.26 5.21
N ILE A 214 10.95 -13.53 4.18
CA ILE A 214 11.16 -14.16 2.88
C ILE A 214 12.31 -15.19 2.97
N GLU A 215 13.32 -14.85 3.74
CA GLU A 215 14.43 -15.77 3.98
C GLU A 215 13.92 -17.06 4.63
N LEU A 216 13.16 -16.93 5.72
CA LEU A 216 12.62 -18.11 6.39
C LEU A 216 11.81 -18.96 5.42
N PHE A 217 10.94 -18.31 4.68
CA PHE A 217 10.18 -18.98 3.63
C PHE A 217 11.11 -19.72 2.68
N ASN A 218 12.15 -19.03 2.24
CA ASN A 218 13.08 -19.56 1.27
C ASN A 218 13.82 -20.78 1.81
N GLN A 219 14.11 -20.75 3.10
CA GLN A 219 14.75 -21.83 3.82
C GLN A 219 13.85 -23.03 4.10
N GLY A 220 12.59 -22.93 3.70
CA GLY A 220 11.68 -24.05 3.79
C GLY A 220 10.87 -24.12 5.07
N MET A 221 10.81 -23.01 5.82
CA MET A 221 10.00 -22.96 7.04
C MET A 221 8.52 -23.27 6.79
N ASP A 222 7.96 -24.12 7.66
CA ASP A 222 6.53 -24.43 7.65
C ASP A 222 5.74 -23.26 8.24
N LEU A 223 4.68 -22.84 7.57
CA LEU A 223 3.82 -21.79 8.11
C LEU A 223 2.43 -22.35 8.34
N PRO A 224 2.14 -22.72 9.60
CA PRO A 224 0.89 -23.36 10.05
C PRO A 224 -0.32 -22.48 9.74
N ALA A 225 -1.44 -23.09 9.35
CA ALA A 225 -2.69 -22.36 9.13
C ALA A 225 -3.11 -21.61 10.39
N PHE A 226 -3.87 -20.54 10.21
CA PHE A 226 -4.22 -19.68 11.33
C PHE A 226 -5.41 -18.80 10.95
N GLU A 227 -5.93 -18.06 11.91
CA GLU A 227 -7.04 -17.15 11.63
C GLU A 227 -6.65 -15.75 12.04
N MET A 228 -7.21 -14.77 11.35
CA MET A 228 -6.88 -13.38 11.65
C MET A 228 -7.95 -12.43 11.13
N ASP A 229 -8.05 -11.27 11.78
CA ASP A 229 -8.94 -10.22 11.28
C ASP A 229 -8.23 -9.43 10.19
N ILE A 230 -8.92 -9.22 9.08
CA ILE A 230 -8.44 -8.29 8.07
C ILE A 230 -9.56 -7.28 7.77
N TYR A 231 -9.22 -6.24 7.03
CA TYR A 231 -10.19 -5.21 6.63
C TYR A 231 -10.37 -5.21 5.12
N ARG A 232 -11.57 -5.50 4.67
CA ARG A 232 -11.82 -5.60 3.24
C ARG A 232 -12.60 -4.40 2.71
N ASN A 233 -12.09 -3.81 1.64
CA ASN A 233 -12.65 -2.60 1.07
C ASN A 233 -14.10 -2.74 0.66
N LEU A 234 -14.92 -1.79 1.09
CA LEU A 234 -16.32 -1.72 0.66
C LEU A 234 -16.50 -0.60 -0.36
N GLY A 235 -15.60 0.37 -0.36
CA GLY A 235 -15.74 1.52 -1.24
C GLY A 235 -15.52 2.85 -0.53
N SER A 236 -15.66 3.93 -1.29
CA SER A 236 -15.26 5.25 -0.79
C SER A 236 -16.46 6.12 -0.45
N VAL A 237 -16.21 7.12 0.41
CA VAL A 237 -17.14 8.21 0.66
C VAL A 237 -16.43 9.51 0.32
N ASP A 238 -17.07 10.34 -0.50
CA ASP A 238 -16.46 11.59 -0.94
C ASP A 238 -16.74 12.70 0.07
N PHE A 239 -15.96 13.79 -0.04
CA PHE A 239 -16.19 14.97 0.79
C PHE A 239 -17.51 15.58 0.41
N PRO A 240 -18.20 16.20 1.40
CA PRO A 240 -19.39 16.99 1.07
C PRO A 240 -18.99 18.05 0.06
N ARG A 241 -19.74 18.23 -1.01
CA ARG A 241 -19.37 19.24 -1.99
C ARG A 241 -20.52 20.19 -2.38
N THR A 242 -20.13 21.34 -2.92
CA THR A 242 -21.08 22.27 -3.49
C THR A 242 -21.51 21.69 -4.82
N ALA A 243 -22.46 22.35 -5.49
CA ALA A 243 -22.87 21.91 -6.81
C ALA A 243 -21.71 22.08 -7.82
N ASP A 244 -20.60 22.63 -7.35
CA ASP A 244 -19.42 22.79 -8.20
C ASP A 244 -18.27 21.86 -7.81
N GLY A 245 -18.55 20.93 -6.91
CA GLY A 245 -17.55 19.95 -6.50
C GLY A 245 -16.42 20.54 -5.68
N ASP A 246 -16.59 21.74 -5.16
CA ASP A 246 -15.65 22.31 -4.22
C ASP A 246 -16.06 21.86 -2.84
N LEU A 247 -15.10 21.73 -1.93
CA LEU A 247 -15.44 21.31 -0.58
C LEU A 247 -16.52 22.21 0.00
N ALA A 248 -17.50 21.61 0.66
CA ALA A 248 -18.47 22.38 1.43
C ALA A 248 -18.28 22.05 2.90
N GLY A 249 -17.29 21.20 3.16
CA GLY A 249 -16.95 20.81 4.52
C GLY A 249 -15.75 19.88 4.52
N THR A 250 -15.35 19.43 5.71
CA THR A 250 -14.29 18.44 5.79
C THR A 250 -14.64 17.36 6.82
N VAL A 251 -13.72 16.41 6.98
CA VAL A 251 -13.92 15.29 7.87
C VAL A 251 -14.21 15.79 9.29
N HIS A 252 -15.24 15.23 9.89
CA HIS A 252 -15.69 15.63 11.21
C HIS A 252 -14.61 15.37 12.25
N PRO A 253 -14.50 16.25 13.25
CA PRO A 253 -13.46 16.06 14.27
C PRO A 253 -13.56 14.73 15.01
N GLN A 254 -14.75 14.13 15.07
CA GLN A 254 -14.92 12.88 15.80
C GLN A 254 -14.54 11.66 14.95
N LEU A 255 -14.41 11.88 13.66
CA LEU A 255 -13.99 10.83 12.75
C LEU A 255 -12.49 10.98 12.48
N GLN A 256 -12.04 12.23 12.38
CA GLN A 256 -10.66 12.54 12.10
C GLN A 256 -9.71 11.73 12.98
N ASP A 257 -8.74 11.05 12.35
CA ASP A 257 -7.67 10.33 13.06
C ASP A 257 -8.12 9.00 13.65
N HIS A 258 -9.33 8.58 13.31
CA HIS A 258 -9.88 7.33 13.88
C HIS A 258 -9.94 6.18 12.89
N ASP A 259 -8.91 6.05 12.07
CA ASP A 259 -8.85 4.99 11.08
C ASP A 259 -8.95 3.62 11.78
N PHE A 260 -9.69 2.71 11.15
CA PHE A 260 -9.86 1.32 11.61
C PHE A 260 -10.72 1.20 12.88
N GLU A 261 -11.32 2.30 13.32
CA GLU A 261 -12.25 2.24 14.46
C GLU A 261 -13.65 2.13 13.89
N PRO A 262 -14.57 1.49 14.62
CA PRO A 262 -15.93 1.24 14.12
C PRO A 262 -16.71 2.55 13.88
N LEU A 263 -17.51 2.59 12.83
CA LEU A 263 -18.33 3.74 12.53
C LEU A 263 -19.77 3.28 12.38
N ARG A 264 -20.61 3.59 13.36
CA ARG A 264 -22.02 3.16 13.33
C ARG A 264 -22.88 4.19 12.61
N PRO A 265 -23.97 3.72 11.98
CA PRO A 265 -24.94 4.63 11.37
C PRO A 265 -25.42 5.68 12.37
N GLY A 266 -25.64 6.90 11.90
CA GLY A 266 -26.06 8.00 12.77
C GLY A 266 -24.89 8.77 13.37
N GLU A 267 -23.68 8.20 13.31
CA GLU A 267 -22.52 8.93 13.81
C GLU A 267 -22.09 9.99 12.79
N PRO A 268 -21.46 11.07 13.27
CA PRO A 268 -21.04 12.20 12.42
C PRO A 268 -19.77 11.88 11.61
N ILE A 269 -19.80 12.13 10.31
CA ILE A 269 -18.63 11.93 9.47
C ILE A 269 -18.09 13.19 8.82
N PHE A 270 -18.91 14.25 8.70
CA PHE A 270 -18.41 15.54 8.24
C PHE A 270 -18.93 16.73 9.05
N LYS A 271 -18.16 17.82 9.01
CA LYS A 271 -18.59 19.11 9.51
C LYS A 271 -18.57 20.07 8.31
N LEU A 272 -19.75 20.58 7.96
CA LEU A 272 -19.85 21.56 6.88
C LEU A 272 -19.39 22.94 7.34
N PHE A 273 -18.90 23.76 6.42
CA PHE A 273 -18.47 25.10 6.80
C PHE A 273 -19.64 25.89 7.40
N SER A 274 -20.86 25.54 7.00
CA SER A 274 -22.06 26.22 7.49
C SER A 274 -22.33 25.87 8.94
N GLY A 275 -21.61 24.87 9.45
CA GLY A 275 -21.75 24.47 10.85
C GLY A 275 -22.57 23.22 11.10
N GLU A 276 -23.29 22.75 10.08
CA GLU A 276 -24.06 21.51 10.19
C GLU A 276 -23.15 20.26 10.25
N ASP A 277 -23.61 19.22 10.95
CA ASP A 277 -22.96 17.91 10.94
C ASP A 277 -23.59 17.05 9.86
N VAL A 278 -22.78 16.29 9.14
CA VAL A 278 -23.28 15.27 8.25
C VAL A 278 -23.09 13.90 8.90
N LEU A 279 -24.12 13.08 8.87
CA LEU A 279 -24.07 11.81 9.58
C LEU A 279 -23.98 10.64 8.60
N TYR A 280 -23.33 9.57 9.04
CA TYR A 280 -23.28 8.33 8.28
C TYR A 280 -24.67 7.71 8.16
N GLU A 281 -25.12 7.51 6.91
CA GLU A 281 -26.45 6.96 6.63
C GLU A 281 -26.43 5.49 6.18
N GLY A 282 -25.35 4.78 6.48
CA GLY A 282 -25.24 3.39 6.08
C GLY A 282 -26.06 2.45 6.95
N ASP A 283 -26.37 1.27 6.41
CA ASP A 283 -27.14 0.28 7.14
C ASP A 283 -26.31 -0.47 8.21
N SER A 284 -24.99 -0.50 8.03
CA SER A 284 -24.14 -1.32 8.89
C SER A 284 -22.90 -0.59 9.40
N ILE A 285 -22.42 -1.05 10.55
CA ILE A 285 -21.15 -0.62 11.11
C ILE A 285 -20.01 -0.91 10.15
N VAL A 286 -19.17 0.10 9.90
CA VAL A 286 -18.02 -0.09 9.03
C VAL A 286 -16.76 0.44 9.69
N TYR A 287 -15.63 0.25 9.02
CA TYR A 287 -14.35 0.63 9.57
C TYR A 287 -13.65 1.54 8.55
N PRO A 288 -13.74 2.86 8.77
CA PRO A 288 -13.16 3.80 7.81
C PRO A 288 -11.66 3.74 7.86
N VAL A 289 -11.05 3.81 6.68
CA VAL A 289 -9.60 3.81 6.60
C VAL A 289 -9.13 4.85 5.60
N PHE A 290 -7.92 5.37 5.81
CA PHE A 290 -7.38 6.46 4.99
C PHE A 290 -8.30 7.67 5.05
N ILE A 291 -8.62 8.05 6.27
CA ILE A 291 -9.44 9.22 6.61
C ILE A 291 -8.66 10.51 6.40
N ASN A 292 -9.08 11.33 5.44
CA ASN A 292 -8.46 12.64 5.17
C ASN A 292 -7.00 12.53 4.69
N GLU A 293 -6.80 11.78 3.60
CA GLU A 293 -5.50 11.67 2.93
C GLU A 293 -5.40 12.78 1.88
N ALA A 294 -4.32 13.55 1.93
CA ALA A 294 -4.12 14.68 1.01
C ALA A 294 -4.28 14.32 -0.47
N ALA A 295 -3.66 13.21 -0.87
CA ALA A 295 -3.66 12.77 -2.26
C ALA A 295 -5.04 12.32 -2.73
N TYR A 296 -5.96 12.09 -1.81
CA TYR A 296 -7.27 11.57 -2.19
C TYR A 296 -8.33 12.63 -2.44
N TYR A 297 -8.07 13.87 -2.03
CA TYR A 297 -9.01 14.97 -2.30
C TYR A 297 -9.44 14.95 -3.77
N GLU A 298 -8.46 14.97 -4.69
CA GLU A 298 -8.75 15.00 -6.12
C GLU A 298 -9.33 13.67 -6.64
N LYS A 299 -9.16 12.59 -5.88
CA LYS A 299 -9.77 11.32 -6.27
C LYS A 299 -11.21 11.24 -5.73
N HIS A 300 -11.64 12.32 -5.09
CA HIS A 300 -12.97 12.35 -4.48
C HIS A 300 -13.17 11.29 -3.41
N VAL A 301 -12.17 11.14 -2.53
CA VAL A 301 -12.23 10.16 -1.45
C VAL A 301 -11.86 10.78 -0.10
N ALA A 302 -12.85 10.93 0.78
CA ALA A 302 -12.62 11.43 2.13
C ALA A 302 -12.19 10.27 3.01
N PHE A 303 -12.69 9.08 2.69
CA PHE A 303 -12.23 7.88 3.35
C PHE A 303 -12.78 6.65 2.61
N LEU A 304 -12.17 5.49 2.88
CA LEU A 304 -12.66 4.21 2.38
C LEU A 304 -13.41 3.48 3.49
N LYS A 305 -14.52 2.86 3.12
CA LYS A 305 -15.26 2.02 4.07
C LYS A 305 -14.71 0.61 3.94
N SER A 306 -14.43 -0.03 5.07
CA SER A 306 -14.05 -1.44 5.04
C SER A 306 -14.90 -2.29 5.99
N GLU A 307 -15.01 -3.58 5.67
CA GLU A 307 -15.61 -4.53 6.59
C GLU A 307 -14.52 -5.33 7.29
N LYS A 308 -14.62 -5.40 8.61
CA LYS A 308 -13.69 -6.18 9.39
C LYS A 308 -14.16 -7.63 9.40
N ILE A 309 -13.36 -8.54 8.84
CA ILE A 309 -13.76 -9.95 8.73
C ILE A 309 -12.66 -10.88 9.17
N ARG A 310 -13.04 -12.00 9.77
CA ARG A 310 -12.07 -12.95 10.27
C ARG A 310 -11.85 -14.02 9.23
N VAL A 311 -10.63 -14.13 8.70
CA VAL A 311 -10.40 -15.15 7.68
C VAL A 311 -9.50 -16.28 8.18
N THR A 312 -9.62 -17.41 7.51
CA THR A 312 -8.81 -18.57 7.84
C THR A 312 -7.73 -18.68 6.78
N VAL A 313 -6.48 -18.66 7.23
CA VAL A 313 -5.34 -18.70 6.31
C VAL A 313 -4.74 -20.12 6.26
N PRO A 314 -4.74 -20.73 5.07
CA PRO A 314 -4.21 -22.08 4.89
C PRO A 314 -2.72 -22.13 5.23
N ALA A 315 -2.22 -23.33 5.52
CA ALA A 315 -0.82 -23.48 5.86
C ALA A 315 0.03 -23.32 4.60
N LEU A 316 1.26 -22.85 4.77
CA LEU A 316 2.26 -22.93 3.71
C LEU A 316 3.38 -23.82 4.22
N LEU A 317 3.35 -25.07 3.79
CA LEU A 317 4.25 -26.07 4.33
C LEU A 317 5.24 -26.46 3.26
N ARG A 318 6.47 -26.72 3.68
CA ARG A 318 7.48 -27.21 2.75
C ARG A 318 6.99 -28.46 2.00
N LEU A 319 6.48 -29.44 2.75
CA LEU A 319 5.96 -30.66 2.13
C LEU A 319 4.47 -30.86 2.42
N THR A 320 3.82 -31.71 1.63
CA THR A 320 2.39 -31.99 1.76
C THR A 320 2.13 -33.02 2.87
N PRO A 321 1.19 -32.71 3.78
CA PRO A 321 0.95 -33.57 4.96
C PRO A 321 0.58 -35.01 4.59
ZN ZN B . 1.51 6.56 -1.60
CL CL C . 2.63 -17.09 9.89
CL CL D . -6.99 10.21 9.68
C ACT E . -1.03 6.87 -0.54
O ACT E . -0.80 7.00 -1.78
OXT ACT E . -0.13 6.31 0.16
CH3 ACT E . -2.30 7.37 0.06
C FMT F . -2.13 4.94 -3.63
O1 FMT F . -3.10 5.64 -3.32
O2 FMT F . -1.97 4.48 -4.75
#